data_1DVG
#
_entry.id   1DVG
#
_cell.length_a   54.853
_cell.length_b   54.853
_cell.length_c   187.558
_cell.angle_alpha   90.00
_cell.angle_beta   90.00
_cell.angle_gamma   90.00
#
_symmetry.space_group_name_H-M   'P 43'
#
loop_
_entity.id
_entity.type
_entity.pdbx_description
1 polymer 'HEME OXYGENASE-1'
2 non-polymer 'PROTOPORPHYRIN IX CONTAINING FE'
3 water water
#
_entity_poly.entity_id   1
_entity_poly.type   'polypeptide(L)'
_entity_poly.pdbx_seq_one_letter_code
;(MSE)ERPQLDS(MSE)SQDLSEALKEATKEVHIRAENSEF(MSE)RNFQKGQVSREGFKLVTASLYHIYTALEEEIERN
KQNPVYAPLYFPEELHRRAALEQDLAFWYGPHWQEAIPYTPATQHYVKRLHEVGGTHPELLVAHAYTRYLGDLSGGQVLK
KIAQKALALPSSGEGLASFTFPSIDNPTKFKQLYRAR(MSE)NTLELTPEVKHRVTEEAKTAFLLNIELFEELQALLTEE
HKDQSPSQTEFLRQRPASLVQDTTSAETPRGKSQISTSSSQTP
;
_entity_poly.pdbx_strand_id   A,B
#
loop_
_chem_comp.id
_chem_comp.type
_chem_comp.name
_chem_comp.formula
HEM non-polymer 'PROTOPORPHYRIN IX CONTAINING FE' 'C34 H32 Fe N4 O4'
#
# COMPACT_ATOMS: atom_id res chain seq x y z
N SER A 10 -4.81 -13.28 21.73
CA SER A 10 -5.55 -13.05 23.01
C SER A 10 -6.29 -14.31 23.45
N GLN A 11 -7.16 -14.18 24.45
CA GLN A 11 -7.91 -15.34 24.93
C GLN A 11 -9.05 -15.70 23.99
N ASP A 12 -10.00 -14.79 23.79
CA ASP A 12 -11.13 -15.05 22.90
C ASP A 12 -10.65 -15.15 21.46
N LEU A 13 -11.09 -16.20 20.78
CA LEU A 13 -10.72 -16.42 19.38
C LEU A 13 -10.84 -15.18 18.51
N SER A 14 -11.95 -14.47 18.62
CA SER A 14 -12.15 -13.27 17.79
C SER A 14 -11.06 -12.24 17.98
N GLU A 15 -10.57 -12.10 19.21
CA GLU A 15 -9.51 -11.15 19.50
C GLU A 15 -8.17 -11.66 18.97
N ALA A 16 -7.93 -12.96 19.14
CA ALA A 16 -6.71 -13.58 18.67
C ALA A 16 -6.59 -13.48 17.14
N LEU A 17 -7.71 -13.59 16.44
CA LEU A 17 -7.71 -13.49 14.99
C LEU A 17 -7.35 -12.07 14.55
N LYS A 18 -7.96 -11.08 15.19
CA LYS A 18 -7.70 -9.69 14.84
C LYS A 18 -6.24 -9.34 15.05
N GLU A 19 -5.67 -9.88 16.13
CA GLU A 19 -4.28 -9.62 16.48
C GLU A 19 -3.35 -10.33 15.51
N ALA A 20 -3.65 -11.57 15.19
CA ALA A 20 -2.83 -12.37 14.30
C ALA A 20 -2.79 -11.91 12.84
N THR A 21 -3.87 -11.30 12.36
CA THR A 21 -3.93 -10.86 10.96
C THR A 21 -3.73 -9.38 10.72
N LYS A 22 -3.39 -8.64 11.77
CA LYS A 22 -3.18 -7.21 11.66
C LYS A 22 -2.13 -6.85 10.60
N GLU A 23 -1.03 -7.58 10.59
CA GLU A 23 0.06 -7.34 9.65
C GLU A 23 -0.31 -7.69 8.22
N VAL A 24 -0.88 -8.87 8.02
CA VAL A 24 -1.26 -9.23 6.66
C VAL A 24 -2.42 -8.38 6.18
N HIS A 25 -3.16 -7.75 7.10
CA HIS A 25 -4.27 -6.89 6.66
C HIS A 25 -3.68 -5.62 6.07
N ILE A 26 -2.70 -5.06 6.75
CA ILE A 26 -2.04 -3.84 6.26
C ILE A 26 -1.40 -4.15 4.92
N ARG A 27 -0.86 -5.34 4.78
CA ARG A 27 -0.23 -5.73 3.53
C ARG A 27 -1.29 -5.82 2.41
N ALA A 28 -2.51 -6.24 2.76
CA ALA A 28 -3.56 -6.37 1.78
C ALA A 28 -4.00 -4.98 1.31
N GLU A 29 -4.03 -4.02 2.23
CA GLU A 29 -4.42 -2.65 1.88
C GLU A 29 -3.32 -2.00 1.03
N ASN A 30 -2.06 -2.39 1.25
CA ASN A 30 -0.96 -1.80 0.49
C ASN A 30 -0.71 -2.46 -0.85
N SER A 31 -1.50 -3.47 -1.19
CA SER A 31 -1.32 -4.15 -2.48
C SER A 31 -1.77 -3.17 -3.54
N GLU A 32 -0.98 -3.08 -4.61
CA GLU A 32 -1.27 -2.17 -5.71
C GLU A 32 -2.74 -2.15 -6.12
N PHE A 33 -3.34 -3.31 -6.36
CA PHE A 33 -4.74 -3.35 -6.77
C PHE A 33 -5.69 -2.67 -5.77
N MSE A 34 -5.49 -2.92 -4.50
CA MSE A 34 -6.34 -2.31 -3.48
C MSE A 34 -6.02 -0.83 -3.29
O MSE A 34 -6.93 -0.03 -3.17
CB MSE A 34 -6.22 -3.06 -2.15
CG MSE A 34 -6.88 -4.44 -2.15
SE MSE A 34 -8.83 -4.45 -2.42
CE MSE A 34 -8.94 -5.70 -3.87
N ARG A 35 -4.74 -0.47 -3.26
CA ARG A 35 -4.34 0.93 -3.10
C ARG A 35 -5.08 1.79 -4.11
N ASN A 36 -5.07 1.34 -5.35
CA ASN A 36 -5.72 2.04 -6.45
C ASN A 36 -7.23 2.08 -6.25
N PHE A 37 -7.80 0.95 -5.86
CA PHE A 37 -9.23 0.88 -5.65
C PHE A 37 -9.65 1.94 -4.63
N GLN A 38 -8.97 1.97 -3.47
CA GLN A 38 -9.32 2.94 -2.44
C GLN A 38 -9.28 4.40 -2.90
N LYS A 39 -8.37 4.71 -3.82
CA LYS A 39 -8.24 6.07 -4.30
C LYS A 39 -9.16 6.32 -5.50
N GLY A 40 -10.04 5.37 -5.77
CA GLY A 40 -10.99 5.55 -6.86
C GLY A 40 -10.49 5.09 -8.22
N GLN A 41 -9.30 4.50 -8.24
CA GLN A 41 -8.70 4.03 -9.47
C GLN A 41 -9.00 2.53 -9.68
N VAL A 42 -10.18 2.25 -10.19
CA VAL A 42 -10.61 0.88 -10.47
C VAL A 42 -11.25 0.93 -11.85
N SER A 43 -10.92 -0.03 -12.70
CA SER A 43 -11.48 -0.05 -14.05
C SER A 43 -12.54 -1.13 -14.20
N ARG A 44 -13.34 -1.01 -15.26
CA ARG A 44 -14.40 -1.98 -15.50
C ARG A 44 -13.80 -3.35 -15.70
N GLU A 45 -12.65 -3.41 -16.37
CA GLU A 45 -11.98 -4.67 -16.61
C GLU A 45 -11.50 -5.28 -15.29
N GLY A 46 -10.87 -4.46 -14.47
CA GLY A 46 -10.38 -4.94 -13.19
C GLY A 46 -11.52 -5.41 -12.29
N PHE A 47 -12.59 -4.64 -12.20
CA PHE A 47 -13.71 -5.01 -11.35
C PHE A 47 -14.37 -6.31 -11.81
N LYS A 48 -14.40 -6.51 -13.13
CA LYS A 48 -14.99 -7.74 -13.70
C LYS A 48 -14.14 -8.92 -13.26
N LEU A 49 -12.82 -8.77 -13.40
CA LEU A 49 -11.88 -9.81 -13.02
C LEU A 49 -12.02 -10.30 -11.59
N VAL A 50 -11.96 -9.38 -10.63
CA VAL A 50 -12.08 -9.77 -9.24
C VAL A 50 -13.42 -10.40 -8.95
N THR A 51 -14.48 -9.85 -9.52
CA THR A 51 -15.82 -10.38 -9.30
C THR A 51 -15.87 -11.82 -9.79
N ALA A 52 -15.28 -12.07 -10.95
CA ALA A 52 -15.28 -13.43 -11.49
C ALA A 52 -14.50 -14.34 -10.55
N SER A 53 -13.30 -13.91 -10.18
CA SER A 53 -12.47 -14.70 -9.28
C SER A 53 -13.19 -15.01 -7.97
N LEU A 54 -13.88 -14.01 -7.41
CA LEU A 54 -14.60 -14.19 -6.15
C LEU A 54 -15.80 -15.13 -6.28
N TYR A 55 -16.40 -15.17 -7.45
CA TYR A 55 -17.52 -16.07 -7.69
C TYR A 55 -17.03 -17.51 -7.42
N HIS A 56 -15.85 -17.83 -7.94
CA HIS A 56 -15.30 -19.17 -7.75
C HIS A 56 -14.97 -19.41 -6.28
N ILE A 57 -14.25 -18.47 -5.67
CA ILE A 57 -13.89 -18.59 -4.26
C ILE A 57 -15.12 -18.79 -3.35
N TYR A 58 -16.15 -17.97 -3.53
CA TYR A 58 -17.33 -18.12 -2.69
C TYR A 58 -18.11 -19.39 -3.03
N THR A 59 -18.07 -19.78 -4.29
CA THR A 59 -18.76 -21.00 -4.68
C THR A 59 -18.15 -22.15 -3.89
N ALA A 60 -16.83 -22.24 -3.93
CA ALA A 60 -16.11 -23.28 -3.19
C ALA A 60 -16.29 -23.14 -1.69
N LEU A 61 -16.21 -21.92 -1.19
CA LEU A 61 -16.34 -21.68 0.23
C LEU A 61 -17.70 -22.05 0.80
N GLU A 62 -18.75 -21.65 0.11
CA GLU A 62 -20.10 -21.92 0.58
C GLU A 62 -20.51 -23.36 0.33
N GLU A 63 -19.77 -24.03 -0.55
CA GLU A 63 -20.04 -25.43 -0.83
C GLU A 63 -19.48 -26.23 0.34
N GLU A 64 -18.36 -25.77 0.88
CA GLU A 64 -17.74 -26.44 2.02
C GLU A 64 -18.51 -26.12 3.28
N ILE A 65 -19.10 -24.93 3.33
CA ILE A 65 -19.87 -24.55 4.51
C ILE A 65 -21.10 -25.45 4.62
N GLU A 66 -21.83 -25.62 3.52
CA GLU A 66 -23.01 -26.47 3.54
C GLU A 66 -22.62 -27.87 4.01
N ARG A 67 -21.41 -28.31 3.63
CA ARG A 67 -20.93 -29.62 3.99
C ARG A 67 -20.73 -29.78 5.49
N ASN A 68 -20.42 -28.68 6.16
CA ASN A 68 -20.17 -28.74 7.61
C ASN A 68 -21.11 -27.93 8.44
N LYS A 69 -22.26 -27.58 7.87
CA LYS A 69 -23.23 -26.76 8.60
C LYS A 69 -23.68 -27.39 9.91
N GLN A 70 -23.58 -28.71 10.03
CA GLN A 70 -24.00 -29.38 11.26
C GLN A 70 -22.82 -29.76 12.15
N ASN A 71 -21.61 -29.58 11.64
CA ASN A 71 -20.42 -29.91 12.42
C ASN A 71 -20.25 -28.86 13.53
N PRO A 72 -20.14 -29.32 14.79
CA PRO A 72 -19.98 -28.43 15.95
C PRO A 72 -18.84 -27.41 15.81
N VAL A 73 -17.78 -27.79 15.11
CA VAL A 73 -16.63 -26.89 14.93
C VAL A 73 -16.92 -25.70 14.03
N TYR A 74 -18.11 -25.70 13.41
CA TYR A 74 -18.48 -24.61 12.51
C TYR A 74 -19.91 -24.11 12.69
N ALA A 75 -20.81 -25.04 13.04
CA ALA A 75 -22.24 -24.77 13.23
C ALA A 75 -22.65 -23.37 13.71
N PRO A 76 -21.98 -22.85 14.74
CA PRO A 76 -22.35 -21.51 15.23
C PRO A 76 -22.19 -20.36 14.23
N LEU A 77 -21.46 -20.59 13.15
CA LEU A 77 -21.25 -19.54 12.16
C LEU A 77 -22.09 -19.69 10.90
N TYR A 78 -23.03 -20.62 10.92
CA TYR A 78 -23.89 -20.86 9.77
C TYR A 78 -24.94 -19.74 9.60
N PHE A 79 -24.70 -18.86 8.63
CA PHE A 79 -25.59 -17.74 8.33
C PHE A 79 -25.89 -17.62 6.84
N PRO A 80 -26.50 -18.65 6.25
CA PRO A 80 -26.83 -18.64 4.81
C PRO A 80 -27.60 -17.44 4.28
N GLU A 81 -28.67 -17.05 4.97
CA GLU A 81 -29.48 -15.92 4.51
C GLU A 81 -28.77 -14.60 4.64
N GLU A 82 -28.03 -14.44 5.72
CA GLU A 82 -27.34 -13.19 5.98
C GLU A 82 -26.01 -12.95 5.24
N LEU A 83 -25.20 -14.00 5.11
CA LEU A 83 -23.90 -13.82 4.48
C LEU A 83 -23.62 -14.40 3.11
N HIS A 84 -24.13 -15.59 2.81
CA HIS A 84 -23.82 -16.21 1.52
C HIS A 84 -23.83 -15.24 0.36
N ARG A 85 -22.72 -15.25 -0.35
CA ARG A 85 -22.49 -14.34 -1.45
C ARG A 85 -22.56 -14.91 -2.85
N ARG A 86 -22.61 -16.24 -2.98
CA ARG A 86 -22.62 -16.81 -4.32
C ARG A 86 -23.71 -16.31 -5.25
N ALA A 87 -24.95 -16.29 -4.78
CA ALA A 87 -26.06 -15.83 -5.61
C ALA A 87 -25.88 -14.38 -6.04
N ALA A 88 -25.52 -13.52 -5.09
CA ALA A 88 -25.32 -12.12 -5.39
C ALA A 88 -24.23 -11.97 -6.43
N LEU A 89 -23.18 -12.78 -6.34
CA LEU A 89 -22.09 -12.68 -7.30
C LEU A 89 -22.53 -13.09 -8.69
N GLU A 90 -23.47 -14.04 -8.75
CA GLU A 90 -23.99 -14.51 -10.03
C GLU A 90 -24.78 -13.37 -10.67
N GLN A 91 -25.47 -12.58 -9.85
CA GLN A 91 -26.25 -11.46 -10.36
C GLN A 91 -25.32 -10.40 -10.95
N ASP A 92 -24.19 -10.16 -10.29
CA ASP A 92 -23.23 -9.18 -10.78
C ASP A 92 -22.58 -9.68 -12.07
N LEU A 93 -22.22 -10.94 -12.11
CA LEU A 93 -21.60 -11.50 -13.30
C LEU A 93 -22.55 -11.43 -14.49
N ALA A 94 -23.82 -11.71 -14.27
CA ALA A 94 -24.81 -11.65 -15.34
C ALA A 94 -24.87 -10.22 -15.88
N PHE A 95 -24.79 -9.25 -14.97
CA PHE A 95 -24.82 -7.85 -15.33
C PHE A 95 -23.58 -7.49 -16.18
N TRP A 96 -22.41 -7.90 -15.72
CA TRP A 96 -21.16 -7.59 -16.42
C TRP A 96 -20.85 -8.39 -17.67
N TYR A 97 -21.14 -9.69 -17.65
CA TYR A 97 -20.83 -10.57 -18.78
C TYR A 97 -22.02 -11.07 -19.60
N GLY A 98 -23.23 -10.83 -19.12
CA GLY A 98 -24.39 -11.29 -19.86
C GLY A 98 -24.90 -12.64 -19.41
N PRO A 99 -26.02 -13.14 -19.99
CA PRO A 99 -26.64 -14.42 -19.65
C PRO A 99 -25.69 -15.62 -19.66
N HIS A 100 -24.72 -15.60 -20.56
CA HIS A 100 -23.76 -16.68 -20.69
C HIS A 100 -22.47 -16.43 -19.92
N TRP A 101 -22.57 -15.66 -18.85
CA TRP A 101 -21.41 -15.35 -18.04
C TRP A 101 -20.64 -16.61 -17.63
N GLN A 102 -21.39 -17.64 -17.24
CA GLN A 102 -20.79 -18.91 -16.81
C GLN A 102 -19.64 -19.36 -17.70
N GLU A 103 -19.81 -19.21 -19.01
CA GLU A 103 -18.77 -19.64 -19.95
C GLU A 103 -17.77 -18.58 -20.37
N ALA A 104 -18.05 -17.31 -20.07
CA ALA A 104 -17.16 -16.24 -20.46
C ALA A 104 -16.12 -15.88 -19.41
N ILE A 105 -16.47 -16.06 -18.14
CA ILE A 105 -15.58 -15.70 -17.05
C ILE A 105 -14.31 -16.50 -16.89
N PRO A 106 -13.20 -15.82 -16.60
CA PRO A 106 -11.90 -16.48 -16.42
C PRO A 106 -11.83 -17.25 -15.10
N TYR A 107 -10.79 -18.08 -14.99
CA TYR A 107 -10.53 -18.88 -13.80
C TYR A 107 -9.02 -18.95 -13.66
N THR A 108 -8.44 -17.87 -13.15
CA THR A 108 -7.01 -17.73 -12.99
C THR A 108 -6.33 -18.73 -12.05
N PRO A 109 -5.01 -18.91 -12.20
CA PRO A 109 -4.20 -19.82 -11.39
C PRO A 109 -4.29 -19.52 -9.89
N ALA A 110 -4.21 -18.23 -9.54
CA ALA A 110 -4.30 -17.84 -8.14
C ALA A 110 -5.68 -18.15 -7.58
N THR A 111 -6.73 -17.99 -8.39
CA THR A 111 -8.08 -18.31 -7.93
C THR A 111 -8.19 -19.81 -7.67
N GLN A 112 -7.64 -20.61 -8.60
CA GLN A 112 -7.71 -22.06 -8.46
C GLN A 112 -6.93 -22.50 -7.24
N HIS A 113 -5.79 -21.87 -7.00
CA HIS A 113 -4.98 -22.24 -5.85
C HIS A 113 -5.75 -21.97 -4.55
N TYR A 114 -6.56 -20.92 -4.56
CA TYR A 114 -7.37 -20.53 -3.41
C TYR A 114 -8.52 -21.54 -3.25
N VAL A 115 -9.20 -21.83 -4.36
CA VAL A 115 -10.32 -22.78 -4.35
C VAL A 115 -9.84 -24.14 -3.81
N LYS A 116 -8.62 -24.51 -4.20
CA LYS A 116 -8.03 -25.77 -3.76
C LYS A 116 -7.96 -25.76 -2.24
N ARG A 117 -7.27 -24.77 -1.70
CA ARG A 117 -7.15 -24.67 -0.25
C ARG A 117 -8.53 -24.77 0.41
N LEU A 118 -9.53 -24.16 -0.19
CA LEU A 118 -10.87 -24.21 0.40
C LEU A 118 -11.45 -25.62 0.47
N HIS A 119 -11.11 -26.48 -0.49
CA HIS A 119 -11.63 -27.84 -0.47
C HIS A 119 -10.87 -28.72 0.50
N GLU A 120 -9.56 -28.48 0.63
CA GLU A 120 -8.75 -29.25 1.57
C GLU A 120 -9.32 -29.04 2.96
N VAL A 121 -9.39 -27.77 3.36
CA VAL A 121 -9.90 -27.41 4.67
C VAL A 121 -11.30 -27.92 4.95
N GLY A 122 -12.25 -27.54 4.10
CA GLY A 122 -13.61 -27.97 4.30
C GLY A 122 -13.69 -29.48 4.30
N GLY A 123 -12.83 -30.09 3.49
CA GLY A 123 -12.81 -31.54 3.39
C GLY A 123 -12.22 -32.28 4.57
N THR A 124 -10.98 -31.98 4.92
CA THR A 124 -10.31 -32.69 6.01
C THR A 124 -10.00 -31.89 7.28
N HIS A 125 -10.10 -30.56 7.21
CA HIS A 125 -9.82 -29.74 8.38
C HIS A 125 -10.95 -28.75 8.68
N PRO A 126 -12.18 -29.26 8.81
CA PRO A 126 -13.36 -28.44 9.11
C PRO A 126 -13.24 -27.42 10.23
N GLU A 127 -12.43 -27.70 11.24
CA GLU A 127 -12.29 -26.75 12.34
C GLU A 127 -11.55 -25.47 11.93
N LEU A 128 -11.00 -25.46 10.72
CA LEU A 128 -10.27 -24.30 10.25
C LEU A 128 -11.08 -23.49 9.23
N LEU A 129 -12.25 -23.99 8.88
CA LEU A 129 -13.10 -23.30 7.91
C LEU A 129 -13.46 -21.92 8.44
N VAL A 130 -13.58 -21.82 9.76
CA VAL A 130 -13.91 -20.57 10.41
C VAL A 130 -12.92 -19.47 9.99
N ALA A 131 -11.65 -19.83 9.90
CA ALA A 131 -10.59 -18.89 9.51
C ALA A 131 -10.88 -18.28 8.15
N HIS A 132 -11.34 -19.11 7.23
CA HIS A 132 -11.65 -18.66 5.90
C HIS A 132 -12.92 -17.86 5.78
N ALA A 133 -13.95 -18.28 6.51
CA ALA A 133 -15.23 -17.57 6.49
C ALA A 133 -15.02 -16.19 7.13
N TYR A 134 -14.25 -16.16 8.20
CA TYR A 134 -13.93 -14.93 8.90
C TYR A 134 -13.26 -13.93 7.96
N THR A 135 -12.20 -14.38 7.30
CA THR A 135 -11.43 -13.56 6.39
C THR A 135 -12.27 -12.95 5.30
N ARG A 136 -13.09 -13.74 4.63
CA ARG A 136 -13.88 -13.17 3.55
C ARG A 136 -15.10 -12.37 4.06
N TYR A 137 -15.96 -12.98 4.87
CA TYR A 137 -17.17 -12.30 5.34
C TYR A 137 -16.98 -11.02 6.15
N LEU A 138 -16.15 -11.05 7.18
CA LEU A 138 -16.01 -9.82 7.96
C LEU A 138 -15.37 -8.72 7.12
N GLY A 139 -14.57 -9.13 6.13
CA GLY A 139 -13.94 -8.16 5.24
C GLY A 139 -14.99 -7.53 4.35
N ASP A 140 -15.95 -8.34 3.90
CA ASP A 140 -17.01 -7.81 3.05
C ASP A 140 -17.84 -6.79 3.80
N LEU A 141 -18.03 -7.03 5.08
CA LEU A 141 -18.82 -6.13 5.93
C LEU A 141 -18.02 -4.97 6.49
N SER A 142 -16.75 -4.88 6.11
CA SER A 142 -15.89 -3.81 6.59
C SER A 142 -15.38 -3.04 5.38
N GLY A 143 -14.14 -3.32 4.97
CA GLY A 143 -13.57 -2.66 3.83
C GLY A 143 -14.50 -2.72 2.63
N GLY A 144 -15.18 -3.86 2.47
CA GLY A 144 -16.12 -4.00 1.37
C GLY A 144 -17.19 -2.91 1.36
N GLN A 145 -17.61 -2.45 2.53
CA GLN A 145 -18.62 -1.41 2.57
C GLN A 145 -18.06 -0.08 2.08
N VAL A 146 -16.78 0.15 2.36
CA VAL A 146 -16.14 1.38 1.91
C VAL A 146 -15.94 1.29 0.40
N LEU A 147 -15.38 0.17 -0.06
CA LEU A 147 -15.15 -0.04 -1.49
C LEU A 147 -16.42 0.01 -2.34
N LYS A 148 -17.53 -0.50 -1.80
CA LYS A 148 -18.78 -0.51 -2.54
C LYS A 148 -19.14 0.90 -3.02
N LYS A 149 -19.10 1.86 -2.10
CA LYS A 149 -19.42 3.23 -2.42
C LYS A 149 -18.45 3.82 -3.45
N ILE A 150 -17.18 3.53 -3.30
CA ILE A 150 -16.17 4.04 -4.22
C ILE A 150 -16.38 3.47 -5.61
N ALA A 151 -16.74 2.19 -5.69
CA ALA A 151 -16.98 1.54 -6.97
C ALA A 151 -18.19 2.10 -7.71
N GLN A 152 -19.26 2.41 -6.99
CA GLN A 152 -20.44 2.93 -7.65
C GLN A 152 -20.17 4.27 -8.31
N LYS A 153 -19.24 5.03 -7.75
CA LYS A 153 -18.90 6.32 -8.31
C LYS A 153 -17.87 6.17 -9.41
N ALA A 154 -16.76 5.51 -9.10
CA ALA A 154 -15.70 5.32 -10.08
C ALA A 154 -16.18 4.61 -11.35
N LEU A 155 -17.15 3.71 -11.19
CA LEU A 155 -17.67 2.97 -12.34
C LEU A 155 -19.02 3.48 -12.82
N ALA A 156 -19.45 4.62 -12.29
CA ALA A 156 -20.73 5.23 -12.63
C ALA A 156 -21.79 4.14 -12.84
N LEU A 157 -22.08 3.41 -11.77
CA LEU A 157 -23.05 2.32 -11.81
C LEU A 157 -24.47 2.74 -11.49
N PRO A 158 -25.46 1.93 -11.91
CA PRO A 158 -26.88 2.22 -11.67
C PRO A 158 -27.14 2.48 -10.19
N SER A 159 -27.87 3.56 -9.92
CA SER A 159 -28.21 3.94 -8.55
C SER A 159 -29.01 2.84 -7.83
N SER A 160 -29.53 1.90 -8.60
CA SER A 160 -30.31 0.81 -8.04
C SER A 160 -29.46 -0.30 -7.43
N GLY A 161 -28.16 -0.30 -7.71
CA GLY A 161 -27.31 -1.32 -7.14
C GLY A 161 -26.87 -2.45 -8.03
N GLU A 162 -27.33 -2.46 -9.29
CA GLU A 162 -26.92 -3.53 -10.22
C GLU A 162 -25.41 -3.44 -10.37
N GLY A 163 -24.75 -4.59 -10.29
CA GLY A 163 -23.31 -4.61 -10.42
C GLY A 163 -22.56 -4.69 -9.11
N LEU A 164 -23.21 -4.24 -8.03
CA LEU A 164 -22.60 -4.25 -6.72
C LEU A 164 -23.38 -5.10 -5.72
N ALA A 165 -24.15 -6.07 -6.23
CA ALA A 165 -24.93 -6.91 -5.34
C ALA A 165 -24.08 -7.72 -4.37
N SER A 166 -22.84 -8.02 -4.74
CA SER A 166 -21.95 -8.80 -3.87
C SER A 166 -21.48 -8.02 -2.65
N PHE A 167 -21.73 -6.73 -2.64
CA PHE A 167 -21.34 -5.88 -1.52
C PHE A 167 -22.58 -5.57 -0.68
N THR A 168 -23.72 -6.04 -1.14
CA THR A 168 -25.00 -5.78 -0.47
C THR A 168 -25.53 -6.96 0.31
N PHE A 169 -25.83 -6.74 1.58
CA PHE A 169 -26.38 -7.80 2.44
C PHE A 169 -27.76 -7.34 2.89
N PRO A 170 -28.77 -7.50 2.03
CA PRO A 170 -30.14 -7.08 2.38
C PRO A 170 -30.70 -7.67 3.68
N SER A 171 -30.22 -8.86 4.04
CA SER A 171 -30.69 -9.51 5.26
C SER A 171 -29.95 -9.04 6.51
N ILE A 172 -29.17 -7.97 6.38
CA ILE A 172 -28.43 -7.44 7.52
C ILE A 172 -28.70 -5.95 7.68
N ASP A 173 -29.30 -5.59 8.81
CA ASP A 173 -29.61 -4.20 9.07
C ASP A 173 -28.38 -3.38 9.41
N ASN A 174 -27.46 -3.97 10.17
CA ASN A 174 -26.27 -3.24 10.56
C ASN A 174 -25.03 -4.11 10.60
N PRO A 175 -24.16 -4.00 9.57
CA PRO A 175 -22.93 -4.79 9.49
C PRO A 175 -22.08 -4.75 10.75
N THR A 176 -21.89 -3.55 11.30
CA THR A 176 -21.08 -3.39 12.50
C THR A 176 -21.66 -4.21 13.63
N LYS A 177 -22.98 -4.14 13.77
CA LYS A 177 -23.66 -4.88 14.81
C LYS A 177 -23.53 -6.37 14.51
N PHE A 178 -23.78 -6.75 13.26
CA PHE A 178 -23.69 -8.16 12.89
C PHE A 178 -22.30 -8.77 13.12
N LYS A 179 -21.25 -7.98 12.91
CA LYS A 179 -19.89 -8.49 13.11
C LYS A 179 -19.66 -8.79 14.58
N GLN A 180 -20.24 -7.97 15.46
CA GLN A 180 -20.11 -8.23 16.89
C GLN A 180 -20.79 -9.55 17.22
N LEU A 181 -21.93 -9.80 16.60
CA LEU A 181 -22.63 -11.05 16.83
C LEU A 181 -21.83 -12.22 16.27
N TYR A 182 -21.17 -11.99 15.13
CA TYR A 182 -20.37 -13.04 14.52
C TYR A 182 -19.18 -13.37 15.42
N ARG A 183 -18.60 -12.34 16.01
CA ARG A 183 -17.46 -12.56 16.90
C ARG A 183 -17.92 -13.35 18.12
N ALA A 184 -19.10 -13.00 18.63
CA ALA A 184 -19.67 -13.70 19.79
C ALA A 184 -19.76 -15.18 19.45
N ARG A 185 -20.31 -15.49 18.28
CA ARG A 185 -20.44 -16.88 17.86
C ARG A 185 -19.08 -17.56 17.77
N MSE A 186 -18.09 -16.86 17.22
CA MSE A 186 -16.76 -17.46 17.08
C MSE A 186 -16.19 -17.82 18.44
O MSE A 186 -15.56 -18.86 18.60
CB MSE A 186 -15.79 -16.50 16.37
CG MSE A 186 -16.00 -16.38 14.86
SE MSE A 186 -14.50 -15.52 13.93
CE MSE A 186 -14.53 -13.80 14.81
N ASN A 187 -16.40 -16.95 19.43
CA ASN A 187 -15.90 -17.18 20.77
C ASN A 187 -16.66 -18.26 21.49
N THR A 188 -17.62 -18.84 20.78
CA THR A 188 -18.46 -19.90 21.32
C THR A 188 -17.87 -21.25 20.95
N LEU A 189 -17.07 -21.27 19.88
CA LEU A 189 -16.43 -22.49 19.40
C LEU A 189 -15.55 -23.12 20.47
N GLU A 190 -15.71 -24.43 20.67
CA GLU A 190 -14.91 -25.12 21.66
C GLU A 190 -13.70 -25.76 21.00
N LEU A 191 -12.52 -25.33 21.43
CA LEU A 191 -11.28 -25.85 20.85
C LEU A 191 -10.10 -25.55 21.77
N THR A 192 -9.09 -26.39 21.70
CA THR A 192 -7.89 -26.22 22.52
C THR A 192 -7.09 -25.00 22.10
N PRO A 193 -6.18 -24.53 22.95
CA PRO A 193 -5.36 -23.37 22.57
C PRO A 193 -4.57 -23.67 21.30
N GLU A 194 -4.14 -24.93 21.14
CA GLU A 194 -3.37 -25.33 19.97
C GLU A 194 -4.17 -25.19 18.68
N VAL A 195 -5.38 -25.72 18.67
CA VAL A 195 -6.22 -25.64 17.49
C VAL A 195 -6.54 -24.18 17.20
N LYS A 196 -6.75 -23.41 18.26
CA LYS A 196 -7.04 -21.99 18.14
C LYS A 196 -5.87 -21.32 17.41
N HIS A 197 -4.65 -21.74 17.74
CA HIS A 197 -3.47 -21.19 17.08
C HIS A 197 -3.51 -21.58 15.60
N ARG A 198 -3.87 -22.83 15.33
CA ARG A 198 -3.94 -23.31 13.96
C ARG A 198 -4.99 -22.51 13.20
N VAL A 199 -5.98 -21.98 13.92
CA VAL A 199 -7.02 -21.19 13.28
C VAL A 199 -6.49 -19.81 12.88
N THR A 200 -5.81 -19.14 13.80
CA THR A 200 -5.29 -17.82 13.48
C THR A 200 -4.25 -17.95 12.38
N GLU A 201 -3.51 -19.05 12.42
CA GLU A 201 -2.48 -19.30 11.44
C GLU A 201 -3.11 -19.55 10.06
N GLU A 202 -4.28 -20.17 10.02
CA GLU A 202 -4.93 -20.40 8.72
C GLU A 202 -5.57 -19.11 8.18
N ALA A 203 -5.86 -18.14 9.06
CA ALA A 203 -6.45 -16.90 8.61
C ALA A 203 -5.36 -16.06 7.92
N LYS A 204 -4.11 -16.22 8.33
CA LYS A 204 -3.02 -15.47 7.70
C LYS A 204 -2.90 -16.05 6.30
N THR A 205 -2.94 -17.37 6.22
CA THR A 205 -2.88 -18.06 4.94
C THR A 205 -4.00 -17.52 4.05
N ALA A 206 -5.18 -17.32 4.64
CA ALA A 206 -6.30 -16.82 3.87
C ALA A 206 -6.01 -15.44 3.29
N PHE A 207 -5.51 -14.54 4.13
CA PHE A 207 -5.17 -13.20 3.65
C PHE A 207 -4.09 -13.31 2.55
N LEU A 208 -3.13 -14.18 2.75
CA LEU A 208 -2.05 -14.37 1.77
C LEU A 208 -2.61 -14.86 0.44
N LEU A 209 -3.66 -15.67 0.48
CA LEU A 209 -4.26 -16.16 -0.75
C LEU A 209 -4.94 -15.02 -1.49
N ASN A 210 -5.51 -14.09 -0.73
CA ASN A 210 -6.18 -12.91 -1.32
C ASN A 210 -5.12 -11.95 -1.85
N ILE A 211 -4.05 -11.76 -1.10
CA ILE A 211 -2.97 -10.89 -1.54
C ILE A 211 -2.45 -11.44 -2.88
N GLU A 212 -2.02 -12.68 -2.87
CA GLU A 212 -1.52 -13.32 -4.09
C GLU A 212 -2.52 -13.14 -5.24
N LEU A 213 -3.80 -13.24 -4.94
CA LEU A 213 -4.83 -13.07 -5.97
C LEU A 213 -4.88 -11.65 -6.52
N PHE A 214 -4.63 -10.65 -5.68
CA PHE A 214 -4.65 -9.26 -6.13
C PHE A 214 -3.41 -8.94 -6.94
N GLU A 215 -2.29 -9.55 -6.56
CA GLU A 215 -1.05 -9.31 -7.29
C GLU A 215 -1.16 -9.89 -8.68
N GLU A 216 -1.80 -11.05 -8.78
CA GLU A 216 -1.96 -11.70 -10.07
C GLU A 216 -2.86 -10.90 -10.99
N LEU A 217 -4.01 -10.47 -10.48
CA LEU A 217 -4.94 -9.70 -11.29
C LEU A 217 -4.30 -8.40 -11.73
N GLN A 218 -3.56 -7.76 -10.85
CA GLN A 218 -2.90 -6.50 -11.18
C GLN A 218 -1.92 -6.77 -12.32
N ALA A 219 -1.24 -7.91 -12.25
CA ALA A 219 -0.30 -8.28 -13.29
C ALA A 219 -1.05 -8.51 -14.59
N LEU A 220 -2.20 -9.19 -14.52
CA LEU A 220 -2.99 -9.46 -15.70
C LEU A 220 -3.50 -8.19 -16.35
N LEU A 221 -3.95 -7.25 -15.52
CA LEU A 221 -4.50 -5.99 -16.01
C LEU A 221 -3.47 -5.09 -16.66
N THR A 222 -2.29 -5.02 -16.10
CA THR A 222 -1.24 -4.16 -16.64
C THR A 222 -0.92 -4.51 -18.10
N GLU A 223 -1.59 -3.80 -19.01
CA GLU A 223 -1.44 -3.96 -20.46
C GLU A 223 -2.37 -3.01 -21.23
N SER B 10 20.24 9.80 21.07
CA SER B 10 19.07 9.89 22.00
C SER B 10 18.45 8.51 22.27
N GLN B 11 17.26 8.51 22.87
CA GLN B 11 16.55 7.27 23.18
C GLN B 11 15.65 6.81 22.04
N ASP B 12 14.70 7.66 21.66
CA ASP B 12 13.79 7.33 20.56
C ASP B 12 14.54 7.52 19.24
N LEU B 13 14.43 6.54 18.34
CA LEU B 13 15.12 6.64 17.05
C LEU B 13 14.81 7.95 16.33
N SER B 14 13.53 8.32 16.30
CA SER B 14 13.11 9.55 15.65
C SER B 14 13.81 10.77 16.22
N GLU B 15 14.02 10.75 17.53
CA GLU B 15 14.68 11.86 18.21
C GLU B 15 16.18 11.80 17.98
N ALA B 16 16.73 10.59 17.97
CA ALA B 16 18.15 10.40 17.74
C ALA B 16 18.52 10.85 16.32
N LEU B 17 17.58 10.65 15.40
CA LEU B 17 17.78 11.05 14.00
C LEU B 17 17.76 12.56 13.85
N LYS B 18 16.75 13.21 14.43
CA LYS B 18 16.63 14.65 14.34
C LYS B 18 17.85 15.35 14.93
N GLU B 19 18.35 14.80 16.03
CA GLU B 19 19.50 15.37 16.73
C GLU B 19 20.81 15.12 15.99
N ALA B 20 20.90 13.96 15.36
CA ALA B 20 22.11 13.59 14.64
C ALA B 20 22.23 14.29 13.29
N THR B 21 21.14 14.87 12.80
CA THR B 21 21.20 15.54 11.50
C THR B 21 21.12 17.05 11.55
N LYS B 22 20.97 17.61 12.73
CA LYS B 22 20.88 19.05 12.92
C LYS B 22 21.89 19.86 12.11
N GLU B 23 23.17 19.56 12.28
CA GLU B 23 24.22 20.29 11.57
C GLU B 23 24.17 20.14 10.06
N VAL B 24 24.18 18.90 9.57
CA VAL B 24 24.14 18.65 8.13
C VAL B 24 22.89 19.22 7.45
N HIS B 25 21.77 19.27 8.16
CA HIS B 25 20.54 19.82 7.59
C HIS B 25 20.77 21.30 7.34
N ILE B 26 21.47 21.95 8.25
CA ILE B 26 21.76 23.37 8.11
C ILE B 26 22.68 23.59 6.92
N ARG B 27 23.61 22.66 6.71
CA ARG B 27 24.52 22.78 5.58
C ARG B 27 23.75 22.55 4.29
N ALA B 28 22.77 21.66 4.34
CA ALA B 28 21.95 21.32 3.18
C ALA B 28 21.04 22.48 2.78
N GLU B 29 20.50 23.17 3.78
CA GLU B 29 19.61 24.28 3.48
C GLU B 29 20.37 25.57 3.19
N ASN B 30 21.69 25.52 3.36
CA ASN B 30 22.51 26.70 3.10
C ASN B 30 23.34 26.57 1.84
N SER B 31 23.34 25.38 1.24
CA SER B 31 24.09 25.17 0.01
C SER B 31 23.66 26.24 -0.99
N GLU B 32 24.56 26.60 -1.90
CA GLU B 32 24.27 27.62 -2.89
C GLU B 32 22.91 27.45 -3.55
N PHE B 33 22.70 26.28 -4.15
CA PHE B 33 21.44 26.00 -4.84
C PHE B 33 20.20 26.24 -3.98
N MSE B 34 20.14 25.59 -2.82
CA MSE B 34 19.00 25.72 -1.93
C MSE B 34 18.79 27.14 -1.41
O MSE B 34 17.66 27.61 -1.29
CB MSE B 34 19.13 24.76 -0.74
CG MSE B 34 18.89 23.30 -1.10
SE MSE B 34 17.08 22.96 -1.76
CE MSE B 34 17.49 22.31 -3.53
N ARG B 35 19.89 27.82 -1.09
CA ARG B 35 19.79 29.17 -0.58
C ARG B 35 19.13 30.06 -1.63
N ASN B 36 19.61 29.96 -2.87
CA ASN B 36 19.06 30.75 -3.97
C ASN B 36 17.60 30.40 -4.24
N PHE B 37 17.28 29.11 -4.13
CA PHE B 37 15.92 28.65 -4.35
C PHE B 37 14.96 29.38 -3.41
N GLN B 38 15.34 29.46 -2.13
CA GLN B 38 14.53 30.12 -1.12
C GLN B 38 14.34 31.61 -1.39
N LYS B 39 15.34 32.22 -2.02
CA LYS B 39 15.28 33.64 -2.37
C LYS B 39 14.25 33.81 -3.50
N GLY B 40 14.12 32.77 -4.30
CA GLY B 40 13.20 32.79 -5.42
C GLY B 40 14.06 32.78 -6.66
N GLN B 41 15.37 32.68 -6.45
CA GLN B 41 16.33 32.65 -7.55
C GLN B 41 16.49 31.23 -8.06
N VAL B 42 15.44 30.71 -8.67
CA VAL B 42 15.48 29.37 -9.23
C VAL B 42 15.14 29.50 -10.71
N SER B 43 15.93 28.84 -11.55
CA SER B 43 15.73 28.89 -12.99
C SER B 43 15.08 27.63 -13.52
N ARG B 44 14.57 27.72 -14.73
CA ARG B 44 13.90 26.60 -15.39
C ARG B 44 14.85 25.43 -15.57
N GLU B 45 16.07 25.72 -16.00
CA GLU B 45 17.09 24.71 -16.23
C GLU B 45 17.53 24.06 -14.93
N GLY B 46 17.53 24.86 -13.87
CA GLY B 46 17.94 24.33 -12.59
C GLY B 46 16.89 23.36 -12.07
N PHE B 47 15.64 23.77 -12.13
CA PHE B 47 14.54 22.95 -11.65
C PHE B 47 14.43 21.65 -12.45
N LYS B 48 14.65 21.74 -13.76
CA LYS B 48 14.59 20.59 -14.64
C LYS B 48 15.68 19.58 -14.27
N LEU B 49 16.84 20.10 -13.86
CA LEU B 49 17.98 19.27 -13.50
C LEU B 49 17.75 18.50 -12.19
N VAL B 50 17.27 19.19 -11.16
CA VAL B 50 17.03 18.54 -9.89
C VAL B 50 15.90 17.52 -10.02
N THR B 51 14.89 17.85 -10.81
CA THR B 51 13.77 16.95 -11.02
C THR B 51 14.29 15.68 -11.68
N ALA B 52 15.15 15.86 -12.67
CA ALA B 52 15.73 14.73 -13.39
C ALA B 52 16.55 13.88 -12.44
N SER B 53 17.38 14.52 -11.63
CA SER B 53 18.21 13.78 -10.70
C SER B 53 17.33 13.07 -9.68
N LEU B 54 16.43 13.80 -9.04
CA LEU B 54 15.56 13.15 -8.07
C LEU B 54 14.84 11.98 -8.70
N TYR B 55 14.48 12.11 -9.97
CA TYR B 55 13.82 10.99 -10.63
C TYR B 55 14.65 9.72 -10.46
N HIS B 56 15.95 9.85 -10.75
CA HIS B 56 16.90 8.73 -10.65
C HIS B 56 17.05 8.24 -9.21
N ILE B 57 17.08 9.19 -8.29
CA ILE B 57 17.23 8.88 -6.89
C ILE B 57 16.04 8.16 -6.28
N TYR B 58 14.82 8.61 -6.57
CA TYR B 58 13.63 7.97 -6.02
C TYR B 58 13.33 6.64 -6.69
N THR B 59 13.82 6.48 -7.92
CA THR B 59 13.63 5.23 -8.64
C THR B 59 14.43 4.18 -7.90
N ALA B 60 15.65 4.55 -7.51
CA ALA B 60 16.53 3.64 -6.79
C ALA B 60 16.00 3.33 -5.39
N LEU B 61 15.63 4.38 -4.66
CA LEU B 61 15.13 4.20 -3.31
C LEU B 61 13.88 3.30 -3.31
N GLU B 62 12.93 3.64 -4.15
CA GLU B 62 11.69 2.89 -4.20
C GLU B 62 11.83 1.49 -4.78
N GLU B 63 12.90 1.24 -5.52
CA GLU B 63 13.10 -0.11 -6.03
C GLU B 63 13.59 -0.93 -4.82
N GLU B 64 14.38 -0.29 -3.95
CA GLU B 64 14.86 -1.00 -2.77
C GLU B 64 13.76 -1.16 -1.73
N ILE B 65 12.81 -0.22 -1.72
CA ILE B 65 11.69 -0.31 -0.78
C ILE B 65 10.88 -1.55 -1.19
N GLU B 66 10.47 -1.62 -2.44
CA GLU B 66 9.72 -2.78 -2.91
C GLU B 66 10.43 -4.08 -2.60
N ARG B 67 11.77 -4.06 -2.67
CA ARG B 67 12.55 -5.25 -2.41
C ARG B 67 12.46 -5.64 -0.93
N ASN B 68 12.43 -4.65 -0.04
CA ASN B 68 12.37 -4.93 1.39
C ASN B 68 11.08 -4.53 2.11
N LYS B 69 9.97 -4.39 1.39
CA LYS B 69 8.73 -3.97 2.01
C LYS B 69 8.17 -4.91 3.08
N GLN B 70 8.52 -6.19 2.99
CA GLN B 70 8.03 -7.14 3.97
C GLN B 70 9.03 -7.47 5.07
N ASN B 71 10.22 -6.87 4.97
CA ASN B 71 11.26 -7.08 5.95
C ASN B 71 10.94 -6.27 7.21
N PRO B 72 10.95 -6.91 8.39
CA PRO B 72 10.68 -6.24 9.66
C PRO B 72 11.52 -5.00 9.96
N VAL B 73 12.76 -4.96 9.46
CA VAL B 73 13.60 -3.79 9.71
C VAL B 73 13.11 -2.56 8.94
N TYR B 74 12.20 -2.76 8.00
CA TYR B 74 11.66 -1.65 7.21
C TYR B 74 10.12 -1.61 7.13
N ALA B 75 9.50 -2.79 7.11
CA ALA B 75 8.05 -2.93 6.98
C ALA B 75 7.14 -1.85 7.59
N PRO B 76 7.40 -1.44 8.84
CA PRO B 76 6.56 -0.41 9.48
C PRO B 76 6.50 0.93 8.76
N LEU B 77 7.50 1.22 7.94
CA LEU B 77 7.55 2.49 7.23
C LEU B 77 7.05 2.41 5.80
N TYR B 78 6.49 1.27 5.41
CA TYR B 78 6.00 1.09 4.06
C TYR B 78 4.69 1.84 3.81
N PHE B 79 4.79 2.94 3.07
CA PHE B 79 3.64 3.79 2.73
C PHE B 79 3.72 4.10 1.25
N PRO B 80 3.47 3.12 0.38
CA PRO B 80 3.55 3.35 -1.07
C PRO B 80 2.66 4.43 -1.69
N GLU B 81 1.35 4.35 -1.45
CA GLU B 81 0.43 5.33 -2.03
C GLU B 81 0.63 6.73 -1.49
N GLU B 82 0.95 6.84 -0.21
CA GLU B 82 1.13 8.15 0.41
C GLU B 82 2.46 8.85 0.10
N LEU B 83 3.55 8.08 0.03
CA LEU B 83 4.85 8.68 -0.18
C LEU B 83 5.58 8.56 -1.51
N HIS B 84 5.52 7.39 -2.14
CA HIS B 84 6.26 7.17 -3.38
C HIS B 84 6.17 8.27 -4.41
N ARG B 85 7.35 8.71 -4.85
CA ARG B 85 7.49 9.82 -5.80
C ARG B 85 7.76 9.50 -7.26
N ARG B 86 8.26 8.29 -7.55
CA ARG B 86 8.61 7.95 -8.92
C ARG B 86 7.58 8.35 -9.97
N ALA B 87 6.32 7.98 -9.75
CA ALA B 87 5.27 8.31 -10.71
C ALA B 87 5.09 9.82 -10.90
N ALA B 88 4.99 10.56 -9.80
CA ALA B 88 4.80 11.99 -9.88
C ALA B 88 5.98 12.63 -10.62
N LEU B 89 7.18 12.10 -10.40
CA LEU B 89 8.36 12.64 -11.07
C LEU B 89 8.29 12.36 -12.56
N GLU B 90 7.77 11.20 -12.95
CA GLU B 90 7.65 10.89 -14.37
C GLU B 90 6.70 11.90 -15.01
N GLN B 91 5.63 12.24 -14.32
CA GLN B 91 4.66 13.23 -14.80
C GLN B 91 5.32 14.59 -14.99
N ASP B 92 6.16 14.96 -14.03
CA ASP B 92 6.87 16.24 -14.08
C ASP B 92 7.86 16.26 -15.23
N LEU B 93 8.61 15.17 -15.39
CA LEU B 93 9.59 15.11 -16.46
C LEU B 93 8.93 15.15 -17.85
N ALA B 94 7.73 14.58 -17.97
CA ALA B 94 7.01 14.58 -19.24
C ALA B 94 6.59 16.03 -19.55
N PHE B 95 6.30 16.78 -18.49
CA PHE B 95 5.91 18.17 -18.63
C PHE B 95 7.09 19.03 -19.07
N TRP B 96 8.22 18.85 -18.38
CA TRP B 96 9.42 19.64 -18.66
C TRP B 96 10.23 19.20 -19.86
N TYR B 97 10.29 17.90 -20.11
CA TYR B 97 11.09 17.37 -21.20
C TYR B 97 10.28 16.82 -22.37
N GLY B 98 8.99 16.60 -22.18
CA GLY B 98 8.17 16.08 -23.26
C GLY B 98 8.13 14.54 -23.23
N PRO B 99 7.43 13.92 -24.18
CA PRO B 99 7.26 12.47 -24.33
C PRO B 99 8.51 11.62 -24.27
N HIS B 100 9.61 12.12 -24.83
CA HIS B 100 10.85 11.34 -24.85
C HIS B 100 11.82 11.74 -23.76
N TRP B 101 11.29 12.11 -22.60
CA TRP B 101 12.15 12.51 -21.49
C TRP B 101 13.18 11.46 -21.11
N GLN B 102 12.81 10.19 -21.14
CA GLN B 102 13.74 9.12 -20.77
C GLN B 102 15.03 9.18 -21.58
N GLU B 103 14.93 9.64 -22.82
CA GLU B 103 16.08 9.72 -23.71
C GLU B 103 16.75 11.08 -23.60
N ALA B 104 16.09 12.04 -22.95
CA ALA B 104 16.62 13.39 -22.84
C ALA B 104 17.18 13.81 -21.48
N ILE B 105 16.61 13.30 -20.39
CA ILE B 105 17.06 13.70 -19.06
C ILE B 105 18.50 13.33 -18.74
N PRO B 106 19.20 14.19 -17.98
CA PRO B 106 20.59 14.00 -17.57
C PRO B 106 20.73 13.06 -16.37
N TYR B 107 21.88 12.43 -16.25
CA TYR B 107 22.17 11.51 -15.14
C TYR B 107 23.58 11.84 -14.63
N THR B 108 23.66 12.89 -13.82
CA THR B 108 24.94 13.34 -13.29
C THR B 108 25.72 12.26 -12.56
N PRO B 109 27.03 12.50 -12.39
CA PRO B 109 27.89 11.53 -11.69
C PRO B 109 27.55 11.46 -10.20
N ALA B 110 27.23 12.58 -9.59
CA ALA B 110 26.89 12.60 -8.17
C ALA B 110 25.55 11.88 -7.98
N THR B 111 24.67 12.00 -8.97
CA THR B 111 23.38 11.34 -8.90
C THR B 111 23.62 9.85 -9.02
N GLN B 112 24.60 9.48 -9.83
CA GLN B 112 24.94 8.07 -10.01
C GLN B 112 25.52 7.48 -8.74
N HIS B 113 26.23 8.31 -7.98
CA HIS B 113 26.86 7.89 -6.74
C HIS B 113 25.78 7.68 -5.66
N TYR B 114 24.86 8.64 -5.58
CA TYR B 114 23.75 8.59 -4.63
C TYR B 114 22.98 7.29 -4.90
N VAL B 115 22.72 7.03 -6.17
CA VAL B 115 22.00 5.82 -6.56
C VAL B 115 22.78 4.57 -6.18
N LYS B 116 24.10 4.63 -6.33
CA LYS B 116 24.93 3.49 -6.01
C LYS B 116 24.79 3.10 -4.54
N ARG B 117 24.82 4.10 -3.67
CA ARG B 117 24.71 3.86 -2.25
C ARG B 117 23.36 3.22 -1.93
N LEU B 118 22.29 3.80 -2.48
CA LEU B 118 20.95 3.28 -2.25
C LEU B 118 20.87 1.79 -2.54
N HIS B 119 21.46 1.34 -3.64
CA HIS B 119 21.41 -0.08 -3.96
C HIS B 119 22.29 -0.93 -3.04
N GLU B 120 23.35 -0.36 -2.47
CA GLU B 120 24.21 -1.11 -1.57
C GLU B 120 23.47 -1.32 -0.26
N VAL B 121 22.80 -0.27 0.22
CA VAL B 121 22.05 -0.36 1.45
C VAL B 121 20.85 -1.30 1.25
N GLY B 122 20.10 -1.07 0.19
CA GLY B 122 18.94 -1.90 -0.08
C GLY B 122 19.26 -3.38 -0.24
N GLY B 123 20.41 -3.67 -0.84
CA GLY B 123 20.78 -5.05 -1.06
C GLY B 123 21.54 -5.74 0.05
N THR B 124 22.30 -5.01 0.86
CA THR B 124 23.08 -5.65 1.93
C THR B 124 22.85 -5.12 3.34
N HIS B 125 22.35 -3.91 3.48
CA HIS B 125 22.11 -3.33 4.81
C HIS B 125 20.68 -2.80 4.84
N PRO B 126 19.69 -3.65 4.59
CA PRO B 126 18.30 -3.20 4.60
C PRO B 126 17.86 -2.50 5.89
N GLU B 127 18.58 -2.74 6.97
CA GLU B 127 18.23 -2.11 8.24
C GLU B 127 18.54 -0.62 8.22
N LEU B 128 19.34 -0.20 7.25
CA LEU B 128 19.70 1.22 7.13
C LEU B 128 18.80 1.95 6.14
N LEU B 129 17.90 1.23 5.46
CA LEU B 129 17.01 1.85 4.48
C LEU B 129 16.21 3.01 5.10
N VAL B 130 15.75 2.82 6.34
CA VAL B 130 14.99 3.85 7.04
C VAL B 130 15.72 5.21 7.03
N ALA B 131 17.04 5.19 7.14
CA ALA B 131 17.81 6.43 7.13
C ALA B 131 17.58 7.18 5.81
N HIS B 132 17.57 6.45 4.71
CA HIS B 132 17.36 7.07 3.41
C HIS B 132 15.92 7.47 3.11
N ALA B 133 14.96 6.68 3.57
CA ALA B 133 13.56 7.02 3.36
C ALA B 133 13.27 8.27 4.17
N TYR B 134 13.79 8.26 5.39
CA TYR B 134 13.64 9.38 6.32
C TYR B 134 14.15 10.68 5.72
N THR B 135 15.43 10.68 5.36
CA THR B 135 16.04 11.87 4.79
C THR B 135 15.26 12.45 3.64
N ARG B 136 14.82 11.60 2.71
CA ARG B 136 14.06 12.08 1.56
C ARG B 136 12.58 12.40 1.81
N TYR B 137 11.80 11.43 2.28
CA TYR B 137 10.38 11.67 2.51
C TYR B 137 10.03 12.75 3.54
N LEU B 138 10.65 12.72 4.71
CA LEU B 138 10.33 13.72 5.71
C LEU B 138 10.75 15.12 5.22
N GLY B 139 11.80 15.17 4.41
CA GLY B 139 12.24 16.43 3.87
C GLY B 139 11.23 16.97 2.88
N ASP B 140 10.72 16.10 2.02
CA ASP B 140 9.73 16.51 1.02
C ASP B 140 8.49 17.09 1.69
N LEU B 141 8.16 16.56 2.85
CA LEU B 141 6.99 17.00 3.60
C LEU B 141 7.25 18.22 4.49
N SER B 142 8.43 18.81 4.35
CA SER B 142 8.81 19.97 5.15
C SER B 142 9.29 21.08 4.22
N GLY B 143 10.61 21.17 4.05
CA GLY B 143 11.17 22.18 3.17
C GLY B 143 10.60 22.05 1.77
N GLY B 144 10.18 20.83 1.42
CA GLY B 144 9.61 20.60 0.11
C GLY B 144 8.33 21.37 -0.09
N GLN B 145 7.49 21.43 0.94
CA GLN B 145 6.23 22.15 0.86
C GLN B 145 6.45 23.66 0.81
N VAL B 146 7.62 24.10 1.26
CA VAL B 146 7.96 25.51 1.24
C VAL B 146 8.45 25.87 -0.15
N LEU B 147 9.37 25.07 -0.67
CA LEU B 147 9.88 25.32 -2.01
C LEU B 147 8.75 25.22 -3.05
N LYS B 148 7.81 24.30 -2.84
CA LYS B 148 6.71 24.14 -3.77
C LYS B 148 6.04 25.46 -4.12
N LYS B 149 5.50 26.14 -3.12
CA LYS B 149 4.83 27.42 -3.33
C LYS B 149 5.76 28.44 -3.96
N ILE B 150 7.03 28.41 -3.58
CA ILE B 150 8.02 29.33 -4.11
C ILE B 150 8.30 29.04 -5.57
N ALA B 151 8.49 27.78 -5.89
CA ALA B 151 8.77 27.36 -7.25
C ALA B 151 7.63 27.73 -8.20
N GLN B 152 6.40 27.59 -7.71
CA GLN B 152 5.22 27.89 -8.50
C GLN B 152 5.16 29.35 -8.98
N LYS B 153 5.61 30.27 -8.14
CA LYS B 153 5.59 31.69 -8.46
C LYS B 153 6.84 32.08 -9.25
N ALA B 154 8.00 31.69 -8.75
CA ALA B 154 9.26 32.02 -9.40
C ALA B 154 9.35 31.50 -10.83
N LEU B 155 8.75 30.34 -11.09
CA LEU B 155 8.80 29.75 -12.42
C LEU B 155 7.51 29.96 -13.22
N ALA B 156 6.58 30.72 -12.64
CA ALA B 156 5.30 31.00 -13.29
C ALA B 156 4.65 29.75 -13.88
N LEU B 157 4.35 28.78 -13.02
CA LEU B 157 3.71 27.55 -13.48
C LEU B 157 2.19 27.67 -13.41
N PRO B 158 1.48 26.75 -14.09
CA PRO B 158 0.01 26.77 -14.09
C PRO B 158 -0.55 26.58 -12.68
N SER B 159 -1.75 27.08 -12.45
CA SER B 159 -2.40 26.96 -11.15
C SER B 159 -2.85 25.52 -10.94
N SER B 160 -3.12 24.82 -12.04
CA SER B 160 -3.55 23.44 -11.98
C SER B 160 -2.53 22.62 -11.18
N GLY B 161 -1.25 22.90 -11.39
CA GLY B 161 -0.21 22.20 -10.66
C GLY B 161 0.78 21.40 -11.50
N GLU B 162 0.61 21.43 -12.82
CA GLU B 162 1.53 20.68 -13.68
C GLU B 162 2.96 21.19 -13.44
N GLY B 163 3.89 20.25 -13.36
CA GLY B 163 5.28 20.62 -13.15
C GLY B 163 5.73 20.44 -11.71
N LEU B 164 4.79 20.44 -10.78
CA LEU B 164 5.12 20.30 -9.36
C LEU B 164 4.52 19.05 -8.72
N ALA B 165 4.21 18.06 -9.54
CA ALA B 165 3.60 16.82 -9.05
C ALA B 165 4.44 16.12 -7.99
N SER B 166 5.75 16.25 -8.07
CA SER B 166 6.63 15.57 -7.12
C SER B 166 6.62 16.21 -5.75
N PHE B 167 6.10 17.42 -5.67
CA PHE B 167 6.02 18.12 -4.39
C PHE B 167 4.63 17.93 -3.80
N THR B 168 3.78 17.21 -4.52
CA THR B 168 2.41 17.02 -4.10
C THR B 168 2.05 15.62 -3.63
N PHE B 169 1.44 15.55 -2.45
CA PHE B 169 1.03 14.28 -1.85
C PHE B 169 -0.49 14.20 -1.71
N PRO B 170 -1.18 13.84 -2.79
CA PRO B 170 -2.65 13.73 -2.82
C PRO B 170 -3.26 12.74 -1.82
N SER B 171 -2.46 11.82 -1.30
CA SER B 171 -2.97 10.85 -0.36
C SER B 171 -2.61 11.21 1.09
N ILE B 172 -2.21 12.46 1.32
CA ILE B 172 -1.86 12.92 2.64
C ILE B 172 -2.56 14.25 2.89
N ASP B 173 -3.62 14.24 3.70
CA ASP B 173 -4.35 15.46 3.97
C ASP B 173 -3.54 16.47 4.78
N ASN B 174 -2.96 16.02 5.88
CA ASN B 174 -2.15 16.90 6.71
C ASN B 174 -0.74 16.32 6.92
N PRO B 175 0.27 16.93 6.28
CA PRO B 175 1.67 16.52 6.36
C PRO B 175 2.20 16.37 7.79
N THR B 176 1.97 17.41 8.60
CA THR B 176 2.42 17.42 9.99
C THR B 176 1.93 16.19 10.70
N LYS B 177 0.67 15.84 10.48
CA LYS B 177 0.06 14.66 11.08
C LYS B 177 0.77 13.39 10.59
N PHE B 178 0.92 13.27 9.28
CA PHE B 178 1.55 12.08 8.73
C PHE B 178 2.94 11.89 9.30
N LYS B 179 3.67 12.99 9.41
CA LYS B 179 5.03 12.94 9.94
C LYS B 179 5.09 12.38 11.35
N GLN B 180 4.22 12.87 12.24
CA GLN B 180 4.23 12.34 13.60
C GLN B 180 3.93 10.84 13.52
N LEU B 181 3.04 10.45 12.61
CA LEU B 181 2.72 9.04 12.45
C LEU B 181 3.91 8.26 11.93
N TYR B 182 4.66 8.86 10.99
CA TYR B 182 5.84 8.21 10.43
C TYR B 182 6.87 8.05 11.54
N ARG B 183 7.02 9.08 12.35
CA ARG B 183 7.98 9.04 13.44
C ARG B 183 7.59 7.96 14.43
N ALA B 184 6.29 7.81 14.66
CA ALA B 184 5.83 6.77 15.57
C ALA B 184 6.22 5.40 15.02
N ARG B 185 6.11 5.22 13.70
CA ARG B 185 6.46 3.93 13.11
C ARG B 185 7.95 3.67 13.23
N MSE B 186 8.74 4.74 13.15
CA MSE B 186 10.19 4.59 13.25
C MSE B 186 10.59 4.13 14.64
O MSE B 186 11.57 3.40 14.78
CB MSE B 186 10.90 5.91 12.94
CG MSE B 186 10.95 6.26 11.48
SE MSE B 186 12.32 7.59 11.13
CE MSE B 186 11.58 9.03 12.18
N ASN B 187 9.85 4.55 15.65
CA ASN B 187 10.17 4.17 17.01
C ASN B 187 9.68 2.76 17.27
N THR B 188 9.12 2.14 16.24
CA THR B 188 8.60 0.79 16.33
C THR B 188 9.61 -0.25 15.81
N LEU B 189 10.55 0.18 14.97
CA LEU B 189 11.55 -0.76 14.46
C LEU B 189 12.32 -1.29 15.66
N GLU B 190 12.62 -2.59 15.64
CA GLU B 190 13.39 -3.16 16.73
C GLU B 190 14.86 -3.20 16.33
N LEU B 191 15.65 -2.33 16.92
CA LEU B 191 17.07 -2.27 16.61
C LEU B 191 17.91 -2.24 17.88
N THR B 192 19.10 -2.80 17.80
CA THR B 192 20.01 -2.79 18.94
C THR B 192 20.49 -1.34 19.04
N PRO B 193 20.96 -0.91 20.21
CA PRO B 193 21.42 0.48 20.27
C PRO B 193 22.55 0.74 19.26
N GLU B 194 23.31 -0.30 18.93
CA GLU B 194 24.39 -0.15 17.97
C GLU B 194 23.84 0.08 16.57
N VAL B 195 22.86 -0.72 16.19
CA VAL B 195 22.26 -0.58 14.87
C VAL B 195 21.58 0.78 14.77
N LYS B 196 20.95 1.19 15.87
CA LYS B 196 20.28 2.48 15.91
C LYS B 196 21.30 3.57 15.60
N HIS B 197 22.53 3.36 16.07
CA HIS B 197 23.61 4.31 15.84
C HIS B 197 24.02 4.33 14.37
N ARG B 198 24.08 3.15 13.76
CA ARG B 198 24.44 3.05 12.35
C ARG B 198 23.41 3.77 11.50
N VAL B 199 22.16 3.67 11.92
CA VAL B 199 21.05 4.32 11.23
C VAL B 199 21.24 5.84 11.20
N THR B 200 21.48 6.43 12.35
CA THR B 200 21.67 7.88 12.40
C THR B 200 22.90 8.28 11.58
N GLU B 201 23.90 7.42 11.58
CA GLU B 201 25.13 7.70 10.83
C GLU B 201 24.85 7.66 9.32
N GLU B 202 23.97 6.75 8.90
CA GLU B 202 23.64 6.65 7.48
C GLU B 202 22.83 7.86 7.07
N ALA B 203 22.00 8.36 7.99
CA ALA B 203 21.20 9.53 7.69
C ALA B 203 22.13 10.69 7.40
N LYS B 204 23.25 10.74 8.11
CA LYS B 204 24.20 11.82 7.87
C LYS B 204 24.83 11.62 6.49
N THR B 205 25.15 10.37 6.16
CA THR B 205 25.70 10.06 4.84
C THR B 205 24.66 10.50 3.80
N ALA B 206 23.39 10.29 4.13
CA ALA B 206 22.30 10.65 3.22
C ALA B 206 22.23 12.12 2.93
N PHE B 207 22.37 12.95 3.96
CA PHE B 207 22.36 14.40 3.79
C PHE B 207 23.58 14.83 2.96
N LEU B 208 24.72 14.20 3.20
CA LEU B 208 25.95 14.51 2.48
C LEU B 208 25.82 14.20 0.99
N LEU B 209 25.16 13.09 0.66
CA LEU B 209 24.98 12.74 -0.74
C LEU B 209 24.09 13.79 -1.40
N ASN B 210 23.18 14.35 -0.61
CA ASN B 210 22.28 15.36 -1.13
C ASN B 210 23.01 16.68 -1.28
N ILE B 211 23.79 17.02 -0.26
CA ILE B 211 24.56 18.26 -0.25
C ILE B 211 25.51 18.31 -1.44
N GLU B 212 26.26 17.25 -1.66
CA GLU B 212 27.19 17.25 -2.78
C GLU B 212 26.47 17.13 -4.11
N LEU B 213 25.21 16.73 -4.08
CA LEU B 213 24.44 16.63 -5.30
C LEU B 213 24.13 18.04 -5.73
N PHE B 214 23.68 18.84 -4.76
CA PHE B 214 23.34 20.23 -5.03
C PHE B 214 24.58 21.03 -5.42
N GLU B 215 25.70 20.77 -4.75
CA GLU B 215 26.93 21.48 -5.05
C GLU B 215 27.32 21.15 -6.48
N GLU B 216 27.07 19.91 -6.89
CA GLU B 216 27.41 19.48 -8.24
C GLU B 216 26.47 20.08 -9.27
N LEU B 217 25.18 20.10 -8.97
CA LEU B 217 24.21 20.64 -9.91
C LEU B 217 24.45 22.12 -10.10
N GLN B 218 24.74 22.83 -9.01
CA GLN B 218 24.98 24.25 -9.08
C GLN B 218 26.22 24.54 -9.93
N ALA B 219 27.21 23.67 -9.85
CA ALA B 219 28.42 23.83 -10.63
C ALA B 219 28.05 23.77 -12.11
N LEU B 220 27.37 22.69 -12.49
CA LEU B 220 26.96 22.47 -13.88
C LEU B 220 26.17 23.64 -14.45
N LEU B 221 25.31 24.24 -13.63
CA LEU B 221 24.49 25.34 -14.07
C LEU B 221 25.31 26.61 -14.29
N THR B 222 26.23 26.87 -13.38
CA THR B 222 27.06 28.09 -13.47
C THR B 222 28.01 28.11 -14.65
N GLU B 223 27.46 28.35 -15.84
CA GLU B 223 28.25 28.41 -17.07
C GLU B 223 27.51 29.18 -18.17
CHA HEM C . -11.56 -5.05 9.05
CHB HEM C . -10.51 -1.54 5.94
CHC HEM C . -9.22 -4.92 2.69
CHD HEM C . -10.39 -8.39 5.82
C1A HEM C . -11.39 -3.79 8.50
C2A HEM C . -11.67 -2.53 9.19
C3A HEM C . -11.37 -1.55 8.28
C4A HEM C . -10.91 -2.18 7.09
CMA HEM C . -11.48 -0.04 8.49
CAA HEM C . -12.17 -2.40 10.60
CBA HEM C . -13.72 -2.59 10.75
CGA HEM C . -14.49 -1.39 10.25
O1A HEM C . -15.21 -1.47 9.24
O2A HEM C . -14.37 -0.29 10.92
C1B HEM C . -10.05 -2.15 4.77
C2B HEM C . -9.59 -1.45 3.55
C3B HEM C . -9.22 -2.40 2.67
C4B HEM C . -9.46 -3.67 3.31
CMB HEM C . -9.56 0.05 3.43
CAB HEM C . -8.66 -2.22 1.25
CBB HEM C . -9.34 -1.72 0.24
C1C HEM C . -9.42 -6.19 3.23
C2C HEM C . -9.19 -7.46 2.55
C3C HEM C . -9.53 -8.42 3.45
C4C HEM C . -9.97 -7.75 4.66
CMC HEM C . -8.68 -7.58 1.12
CAC HEM C . -9.54 -9.92 3.37
CBC HEM C . -9.21 -10.70 2.37
C1D HEM C . -10.81 -7.82 7.00
C2D HEM C . -11.22 -8.53 8.17
C3D HEM C . -11.56 -7.56 9.09
C4D HEM C . -11.33 -6.28 8.46
CMD HEM C . -11.28 -10.03 8.33
CAD HEM C . -12.05 -7.83 10.49
CBD HEM C . -10.87 -7.95 11.50
CGD HEM C . -11.33 -8.22 12.88
O1D HEM C . -11.10 -9.31 13.44
O2D HEM C . -11.97 -7.31 13.48
NA HEM C . -10.93 -3.57 7.22
NB HEM C . -9.95 -3.53 4.57
NC HEM C . -9.89 -6.42 4.52
ND HEM C . -10.87 -6.46 7.18
FE HEM C . -10.35 -5.07 5.92
CHA HEM D . 12.59 19.01 8.56
CHB HEM D . 13.02 23.29 6.36
CHC HEM D . 15.98 21.27 3.08
CHD HEM D . 15.46 17.00 5.30
C1A HEM D . 12.45 20.37 8.26
C2A HEM D . 11.64 21.34 9.03
C3A HEM D . 11.78 22.54 8.38
C4A HEM D . 12.64 22.32 7.26
CMA HEM D . 11.14 23.87 8.75
CAA HEM D . 10.87 21.02 10.25
CBA HEM D . 9.42 20.47 9.95
CGA HEM D . 8.99 19.50 11.02
O1A HEM D . 8.43 19.89 12.06
O2A HEM D . 9.23 18.26 10.82
C1B HEM D . 13.87 23.12 5.26
C2B HEM D . 14.26 24.19 4.32
C3B HEM D . 15.09 23.63 3.41
C4B HEM D . 15.20 22.23 3.79
CMB HEM D . 13.77 25.62 4.43
CAB HEM D . 15.79 24.28 2.22
CBB HEM D . 15.20 24.48 1.06
C1C HEM D . 16.12 19.91 3.37
C2C HEM D . 16.91 18.96 2.62
C3C HEM D . 16.76 17.76 3.24
C4C HEM D . 15.88 17.99 4.38
CMC HEM D . 17.71 19.32 1.38
CAC HEM D . 17.30 16.39 2.95
CBC HEM D . 18.10 16.00 1.98
C1D HEM D . 14.63 17.13 6.39
C2D HEM D . 14.24 16.08 7.29
C3D HEM D . 13.41 16.66 8.23
C4D HEM D . 13.32 18.07 7.89
CMD HEM D . 14.65 14.62 7.21
CAD HEM D . 12.75 15.96 9.38
CBD HEM D . 13.54 16.19 10.71
CGD HEM D . 12.93 15.50 11.88
O1D HEM D . 13.55 14.64 12.53
O2D HEM D . 11.73 15.81 12.17
NA HEM D . 13.06 20.99 7.19
NB HEM D . 14.48 21.93 4.89
NC HEM D . 15.51 19.27 4.45
ND HEM D . 14.07 18.32 6.76
FE HEM D . 14.45 20.15 5.80
#